data_3NEK
#
_entry.id   3NEK
#
_cell.length_a   80.009
_cell.length_b   80.009
_cell.length_c   116.421
_cell.angle_alpha   90.000
_cell.angle_beta   90.000
_cell.angle_gamma   120.000
#
_symmetry.space_group_name_H-M   'P 31 2 1'
#
loop_
_entity.id
_entity.type
_entity.pdbx_description
1 polymer 'nitrogen repressor-like protein MJ0159'
2 non-polymer GLYCEROL
3 water water
#
_entity_poly.entity_id   1
_entity_poly.type   'polypeptide(L)'
_entity_poly.pdbx_seq_one_letter_code
;SLKKNPRDIVTKKANIRIKTALSK(MSE)FNA(MSE)AKVTYDIDEADGDVIVNTAFIDKKYLDEAFDILKEAYKKGLGI
SDRFGIVEENDRIKIQTICAVTLDGIFLRNSVPLIPKYGGILEITEDKERFIDIIGYDGSSLDPHEVFFNFVDCEKTFLA
GFREVHRVAREKLEEVLKKLNWNGIKAIGEPNNELYGIGVNKD(MSE)CGVVT(MSE)GGINPLVLLKENEIPIELKA
(MSE)HEVVRFSDLKSYKEI
;
_entity_poly.pdbx_strand_id   A,B
#
# COMPACT_ATOMS: atom_id res chain seq x y z
N ARG A 17 -14.10 -2.31 12.45
CA ARG A 17 -13.43 -0.99 12.28
C ARG A 17 -11.93 -1.16 12.00
N ILE A 18 -11.51 -0.76 10.80
CA ILE A 18 -10.11 -0.88 10.38
C ILE A 18 -9.23 0.17 11.04
N LYS A 19 -8.10 -0.27 11.59
CA LYS A 19 -7.11 0.62 12.15
C LYS A 19 -6.03 0.91 11.11
N THR A 20 -5.69 2.18 10.97
CA THR A 20 -4.65 2.58 10.04
C THR A 20 -3.25 2.39 10.65
N ALA A 21 -2.27 2.14 9.79
CA ALA A 21 -0.87 2.01 10.21
C ALA A 21 -0.40 3.22 11.04
N LEU A 22 -0.86 4.41 10.63
CA LEU A 22 -0.59 5.65 11.37
C LEU A 22 -1.00 5.55 12.85
N SER A 23 -2.22 5.06 13.11
CA SER A 23 -2.73 4.96 14.47
C SER A 23 -2.11 3.83 15.29
N LYS A 24 -1.72 2.74 14.63
CA LYS A 24 -0.91 1.70 15.26
C LYS A 24 0.44 2.25 15.71
N PHE A 26 1.13 5.54 16.31
CA PHE A 26 0.90 6.50 17.38
C PHE A 26 0.83 5.82 18.74
N ASN A 27 0.02 4.76 18.84
CA ASN A 27 -0.10 3.95 20.05
C ASN A 27 1.23 3.37 20.47
N ALA A 28 2.04 3.03 19.47
CA ALA A 28 3.37 2.46 19.70
C ALA A 28 4.36 3.49 20.29
N ALA A 30 3.77 5.85 22.47
CA ALA A 30 3.53 6.07 23.89
C ALA A 30 4.23 5.07 24.80
N LYS A 31 4.68 3.94 24.24
CA LYS A 31 5.42 2.95 24.99
C LYS A 31 6.92 3.22 24.96
N VAL A 32 7.36 4.19 24.14
CA VAL A 32 8.79 4.50 24.06
C VAL A 32 9.23 5.28 25.28
N THR A 33 10.32 4.82 25.88
CA THR A 33 10.78 5.32 27.17
C THR A 33 12.27 5.68 27.14
N TYR A 34 12.88 5.53 25.97
CA TYR A 34 14.32 5.72 25.81
C TYR A 34 14.77 7.12 26.17
N ASP A 35 15.62 7.22 27.18
CA ASP A 35 16.21 8.49 27.60
C ASP A 35 17.62 8.63 27.04
N ILE A 36 17.86 9.71 26.32
CA ILE A 36 19.18 10.00 25.73
C ILE A 36 20.25 10.23 26.79
N ASP A 37 19.90 10.98 27.85
CA ASP A 37 20.83 11.26 28.95
C ASP A 37 21.41 10.00 29.61
N GLU A 38 20.58 8.96 29.71
CA GLU A 38 20.97 7.69 30.30
C GLU A 38 21.46 6.70 29.22
N ALA A 39 21.06 6.95 27.97
CA ALA A 39 21.34 6.05 26.85
C ALA A 39 20.72 4.65 27.08
N ASP A 40 19.48 4.66 27.55
CA ASP A 40 18.71 3.44 27.83
C ASP A 40 17.22 3.72 27.93
N GLY A 41 16.40 2.67 27.86
CA GLY A 41 14.96 2.79 28.00
C GLY A 41 14.23 1.80 27.11
N ASP A 42 12.91 1.88 27.09
CA ASP A 42 12.12 0.94 26.30
C ASP A 42 12.02 1.36 24.84
N VAL A 43 12.27 0.41 23.95
CA VAL A 43 12.22 0.63 22.51
C VAL A 43 11.17 -0.26 21.84
N ILE A 44 10.85 0.03 20.60
CA ILE A 44 9.95 -0.82 19.82
C ILE A 44 10.76 -1.57 18.79
N VAL A 45 10.67 -2.91 18.81
CA VAL A 45 11.42 -3.77 17.88
C VAL A 45 10.51 -4.61 16.99
N ASN A 46 11.01 -4.90 15.79
CA ASN A 46 10.44 -5.93 14.94
C ASN A 46 10.91 -7.26 15.48
N THR A 47 10.04 -8.26 15.42
CA THR A 47 10.37 -9.61 15.85
C THR A 47 10.21 -10.57 14.65
N ALA A 48 11.32 -11.20 14.25
CA ALA A 48 11.32 -12.17 13.15
C ALA A 48 11.78 -13.53 13.65
N PHE A 49 11.47 -14.58 12.88
CA PHE A 49 11.82 -15.94 13.28
C PHE A 49 12.47 -16.74 12.18
N ILE A 50 13.50 -17.48 12.56
CA ILE A 50 14.23 -18.37 11.66
C ILE A 50 14.41 -19.73 12.35
N ASP A 51 14.80 -20.75 11.57
CA ASP A 51 15.07 -22.06 12.13
C ASP A 51 16.42 -22.09 12.85
N LYS A 52 16.56 -23.00 13.81
CA LYS A 52 17.74 -23.07 14.68
C LYS A 52 19.04 -23.41 13.95
N LYS A 53 18.92 -24.09 12.81
CA LYS A 53 20.06 -24.52 12.01
C LYS A 53 20.78 -23.38 11.30
N TYR A 54 20.19 -22.18 11.35
CA TYR A 54 20.76 -20.98 10.73
C TYR A 54 21.31 -19.97 11.75
N LEU A 55 21.38 -20.38 13.02
CA LEU A 55 21.80 -19.47 14.09
C LEU A 55 23.18 -18.84 13.86
N ASP A 56 24.16 -19.66 13.49
CA ASP A 56 25.54 -19.21 13.33
C ASP A 56 25.70 -18.22 12.18
N GLU A 57 25.15 -18.56 11.01
CA GLU A 57 25.27 -17.70 9.83
C GLU A 57 24.52 -16.38 9.98
N ALA A 58 23.39 -16.41 10.68
CA ALA A 58 22.53 -15.24 10.87
C ALA A 58 23.20 -14.14 11.69
N PHE A 59 23.86 -14.52 12.78
CA PHE A 59 24.60 -13.58 13.62
C PHE A 59 25.70 -12.87 12.81
N ASP A 60 26.39 -13.63 11.96
CA ASP A 60 27.45 -13.09 11.13
C ASP A 60 26.91 -12.03 10.15
N ILE A 61 25.87 -12.39 9.40
CA ILE A 61 25.23 -11.49 8.43
C ILE A 61 24.64 -10.25 9.11
N LEU A 62 24.12 -10.44 10.33
CA LEU A 62 23.56 -9.34 11.12
C LEU A 62 24.63 -8.35 11.56
N LYS A 63 25.77 -8.86 12.02
CA LYS A 63 26.93 -8.04 12.36
C LYS A 63 27.40 -7.21 11.18
N GLU A 64 27.51 -7.85 10.03
CA GLU A 64 27.89 -7.21 8.78
C GLU A 64 26.86 -6.17 8.34
N ALA A 65 25.58 -6.52 8.49
CA ALA A 65 24.51 -5.59 8.15
C ALA A 65 24.59 -4.29 8.95
N TYR A 66 24.90 -4.42 10.24
CA TYR A 66 25.00 -3.24 11.11
C TYR A 66 26.27 -2.45 10.88
N LYS A 67 27.32 -3.12 10.42
CA LYS A 67 28.57 -2.47 10.03
C LYS A 67 28.39 -1.64 8.75
N LYS A 68 27.44 -2.05 7.92
CA LYS A 68 27.15 -1.40 6.64
C LYS A 68 26.07 -0.33 6.75
N GLY A 69 25.76 0.07 7.98
CA GLY A 69 24.83 1.16 8.23
C GLY A 69 23.37 0.79 8.07
N LEU A 70 23.07 -0.50 8.03
CA LEU A 70 21.69 -0.97 7.93
C LEU A 70 21.05 -1.02 9.31
N GLY A 71 19.73 -0.82 9.35
CA GLY A 71 19.02 -0.80 10.62
C GLY A 71 19.29 0.42 11.46
N ILE A 72 18.50 0.56 12.52
CA ILE A 72 18.56 1.68 13.43
C ILE A 72 19.35 1.30 14.69
N SER A 73 20.26 2.18 15.10
CA SER A 73 21.17 1.99 16.23
C SER A 73 22.22 0.91 15.99
N ASP A 74 23.18 0.82 16.90
CA ASP A 74 24.23 -0.19 16.85
C ASP A 74 23.78 -1.52 17.47
N ARG A 75 22.55 -1.57 17.97
CA ARG A 75 22.07 -2.72 18.74
C ARG A 75 20.94 -3.51 18.08
N PHE A 76 21.01 -4.82 18.21
CA PHE A 76 19.93 -5.73 17.81
C PHE A 76 19.83 -6.92 18.80
N GLY A 77 18.75 -7.69 18.69
CA GLY A 77 18.52 -8.83 19.56
C GLY A 77 18.59 -10.15 18.83
N ILE A 78 19.22 -11.14 19.47
CA ILE A 78 19.23 -12.50 18.96
C ILE A 78 19.19 -13.50 20.13
N VAL A 79 18.07 -14.18 20.30
CA VAL A 79 17.89 -15.06 21.46
C VAL A 79 17.59 -16.54 21.13
N GLU A 80 17.96 -17.42 22.05
CA GLU A 80 17.70 -18.84 21.96
C GLU A 80 16.25 -19.16 22.31
N GLU A 81 15.54 -19.80 21.38
CA GLU A 81 14.19 -20.26 21.67
C GLU A 81 14.11 -21.79 21.61
N ASN A 82 12.99 -22.35 22.05
CA ASN A 82 12.82 -23.79 22.14
C ASN A 82 13.08 -24.57 20.85
N ASP A 83 12.75 -23.96 19.71
CA ASP A 83 12.78 -24.64 18.42
C ASP A 83 13.21 -23.71 17.28
N ARG A 84 12.97 -22.41 17.48
CA ARG A 84 13.35 -21.41 16.49
C ARG A 84 14.23 -20.33 17.11
N ILE A 85 14.72 -19.42 16.27
CA ILE A 85 15.55 -18.33 16.75
C ILE A 85 14.79 -17.01 16.64
N LYS A 86 14.75 -16.24 17.71
CA LYS A 86 14.11 -14.93 17.67
C LYS A 86 15.13 -13.82 17.41
N ILE A 87 14.83 -12.99 16.41
CA ILE A 87 15.69 -11.86 16.03
C ILE A 87 14.90 -10.56 16.12
N GLN A 88 15.48 -9.60 16.84
CA GLN A 88 14.84 -8.31 17.10
C GLN A 88 15.65 -7.17 16.52
N THR A 89 14.98 -6.31 15.75
CA THR A 89 15.58 -5.11 15.18
C THR A 89 14.70 -3.92 15.50
N ILE A 90 15.32 -2.80 15.90
CA ILE A 90 14.62 -1.61 16.34
C ILE A 90 13.83 -0.94 15.20
N CYS A 91 12.55 -0.66 15.44
CA CYS A 91 11.70 0.08 14.50
C CYS A 91 11.96 1.57 14.52
N ALA A 92 11.75 2.23 13.38
CA ALA A 92 11.88 3.68 13.27
C ALA A 92 10.84 4.43 14.11
N VAL A 93 9.76 3.74 14.49
CA VAL A 93 8.76 4.33 15.37
C VAL A 93 9.38 4.64 16.75
N THR A 94 10.53 4.04 17.03
CA THR A 94 11.27 4.34 18.25
C THR A 94 11.82 5.75 18.17
N LEU A 95 12.35 6.11 17.00
CA LEU A 95 12.84 7.46 16.74
C LEU A 95 11.69 8.45 16.87
N ASP A 96 10.57 8.13 16.22
CA ASP A 96 9.34 8.91 16.38
C ASP A 96 9.01 9.14 17.86
N GLY A 97 9.25 8.13 18.68
CA GLY A 97 8.95 8.17 20.11
C GLY A 97 9.93 8.98 20.94
N ILE A 98 11.22 8.85 20.64
CA ILE A 98 12.27 9.62 21.29
C ILE A 98 12.11 11.11 21.00
N PHE A 99 11.91 11.44 19.72
CA PHE A 99 11.70 12.82 19.29
C PHE A 99 10.51 13.49 19.99
N LEU A 100 9.40 12.76 20.14
CA LEU A 100 8.21 13.28 20.80
C LEU A 100 8.50 13.59 22.27
N ARG A 101 9.26 12.70 22.90
CA ARG A 101 9.71 12.90 24.28
C ARG A 101 10.53 14.17 24.47
N ASN A 102 11.25 14.56 23.42
CA ASN A 102 12.11 15.75 23.47
C ASN A 102 11.48 16.96 22.79
N SER A 103 10.14 16.95 22.72
CA SER A 103 9.35 18.07 22.19
C SER A 103 9.58 18.36 20.70
N VAL A 104 9.83 17.30 19.94
CA VAL A 104 10.02 17.38 18.49
C VAL A 104 9.00 16.45 17.81
N PRO A 105 7.80 16.97 17.48
CA PRO A 105 6.82 16.18 16.73
C PRO A 105 7.30 15.77 15.34
N LEU A 106 7.36 14.46 15.10
CA LEU A 106 7.60 13.90 13.78
C LEU A 106 6.36 13.15 13.28
N ILE A 107 5.89 13.50 12.09
CA ILE A 107 4.74 12.82 11.51
C ILE A 107 5.22 11.82 10.45
N PRO A 108 4.97 10.51 10.67
CA PRO A 108 5.31 9.52 9.67
C PRO A 108 4.37 9.64 8.49
N LYS A 109 4.93 9.67 7.28
CA LYS A 109 4.12 9.94 6.10
C LYS A 109 4.04 8.75 5.19
N TYR A 110 5.18 8.24 4.74
CA TYR A 110 5.21 7.15 3.77
C TYR A 110 6.26 6.13 4.10
N GLY A 111 6.00 4.89 3.74
CA GLY A 111 7.03 3.86 3.70
C GLY A 111 7.14 3.37 2.27
N GLY A 112 8.37 3.07 1.85
CA GLY A 112 8.62 2.56 0.50
C GLY A 112 10.04 2.09 0.25
N ILE A 113 10.41 2.04 -1.03
CA ILE A 113 11.71 1.55 -1.48
C ILE A 113 12.59 2.73 -1.88
N LEU A 114 13.78 2.80 -1.30
CA LEU A 114 14.73 3.84 -1.59
C LEU A 114 15.79 3.28 -2.52
N GLU A 115 16.01 3.98 -3.64
CA GLU A 115 17.03 3.60 -4.60
C GLU A 115 18.24 4.50 -4.43
N ILE A 116 19.40 3.88 -4.20
CA ILE A 116 20.68 4.59 -4.16
C ILE A 116 21.63 3.95 -5.16
N THR A 117 21.69 4.56 -6.35
CA THR A 117 22.69 4.22 -7.35
C THR A 117 23.77 5.29 -7.33
N GLU A 118 24.81 5.10 -8.14
CA GLU A 118 25.89 6.08 -8.23
C GLU A 118 25.39 7.48 -8.58
N ASP A 119 24.46 7.57 -9.53
CA ASP A 119 23.91 8.85 -9.99
C ASP A 119 22.99 9.55 -8.96
N LYS A 120 21.82 8.98 -8.67
CA LYS A 120 20.86 9.68 -7.79
C LYS A 120 20.38 8.91 -6.54
N GLU A 121 19.47 9.55 -5.80
CA GLU A 121 18.86 9.03 -4.59
C GLU A 121 17.38 9.37 -4.63
N ARG A 122 16.54 8.34 -4.80
CA ARG A 122 15.11 8.57 -4.98
C ARG A 122 14.26 7.43 -4.42
N PHE A 123 13.08 7.77 -3.90
CA PHE A 123 12.06 6.76 -3.63
C PHE A 123 11.44 6.32 -4.95
N ILE A 124 11.38 5.01 -5.19
CA ILE A 124 10.80 4.51 -6.43
C ILE A 124 9.37 3.99 -6.24
N ASP A 125 8.99 3.69 -4.99
CA ASP A 125 7.63 3.23 -4.65
C ASP A 125 7.29 3.51 -3.19
N ILE A 126 6.08 3.99 -2.95
CA ILE A 126 5.64 4.35 -1.60
C ILE A 126 4.19 3.97 -1.30
N ILE A 127 3.93 3.76 -0.02
CA ILE A 127 2.59 3.59 0.52
C ILE A 127 2.47 4.57 1.70
N GLY A 128 1.32 5.23 1.81
CA GLY A 128 1.11 6.18 2.90
C GLY A 128 0.58 5.50 4.14
N TYR A 129 1.09 5.89 5.30
CA TYR A 129 0.64 5.35 6.58
C TYR A 129 -0.79 5.74 6.93
N ASP A 130 -1.12 6.99 6.60
CA ASP A 130 -2.40 7.61 6.99
C ASP A 130 -3.65 6.88 6.50
N GLY A 131 -3.57 6.24 5.35
CA GLY A 131 -4.74 5.59 4.75
C GLY A 131 -4.60 4.11 4.45
N SER A 132 -3.60 3.47 5.05
CA SER A 132 -3.33 2.07 4.80
C SER A 132 -3.31 1.26 6.09
N SER A 133 -3.74 0.01 5.99
CA SER A 133 -3.76 -0.90 7.12
C SER A 133 -2.64 -1.95 7.08
N LEU A 134 -1.65 -1.73 6.22
CA LEU A 134 -0.50 -2.63 6.15
C LEU A 134 0.77 -1.92 6.55
N ASP A 135 1.76 -2.70 6.94
CA ASP A 135 3.13 -2.21 7.05
C ASP A 135 3.71 -2.16 5.64
N PRO A 136 4.08 -0.96 5.16
CA PRO A 136 4.61 -0.84 3.81
C PRO A 136 5.86 -1.70 3.58
N HIS A 137 6.65 -1.86 4.63
CA HIS A 137 7.89 -2.62 4.53
C HIS A 137 7.66 -4.13 4.47
N GLU A 138 6.47 -4.58 4.84
CA GLU A 138 6.16 -6.00 4.62
C GLU A 138 5.76 -6.22 3.16
N VAL A 139 5.17 -5.18 2.55
CA VAL A 139 4.76 -5.22 1.15
C VAL A 139 5.97 -5.18 0.22
N PHE A 140 6.97 -4.38 0.58
CA PHE A 140 8.16 -4.20 -0.25
C PHE A 140 9.36 -5.08 0.16
N PHE A 141 9.19 -5.94 1.16
CA PHE A 141 10.27 -6.78 1.68
C PHE A 141 11.03 -7.62 0.64
N ASN A 142 10.30 -8.21 -0.31
CA ASN A 142 10.89 -9.09 -1.33
C ASN A 142 11.41 -8.39 -2.61
N PHE A 143 11.13 -7.11 -2.76
CA PHE A 143 11.56 -6.34 -3.94
C PHE A 143 12.76 -5.45 -3.62
N VAL A 144 13.42 -5.75 -2.52
CA VAL A 144 14.55 -4.96 -2.02
C VAL A 144 15.77 -5.90 -1.90
N ASP A 145 16.96 -5.38 -2.20
CA ASP A 145 18.17 -6.22 -2.20
C ASP A 145 19.27 -5.72 -1.26
N CYS A 146 19.01 -4.62 -0.56
CA CYS A 146 19.97 -3.93 0.30
C CYS A 146 21.39 -3.76 -0.25
N GLU A 147 21.47 -3.41 -1.52
CA GLU A 147 22.72 -3.01 -2.16
C GLU A 147 22.42 -1.80 -3.06
N LYS A 148 21.36 -1.89 -3.84
CA LYS A 148 20.89 -0.77 -4.66
C LYS A 148 19.59 -0.18 -4.06
N THR A 149 18.73 -1.07 -3.59
CA THR A 149 17.42 -0.68 -3.10
C THR A 149 17.21 -1.07 -1.64
N PHE A 150 16.68 -0.13 -0.87
CA PHE A 150 16.59 -0.29 0.58
C PHE A 150 15.20 0.12 1.03
N LEU A 151 14.69 -0.54 2.08
CA LEU A 151 13.42 -0.10 2.69
C LEU A 151 13.63 1.18 3.47
N ALA A 152 12.69 2.11 3.37
CA ALA A 152 12.83 3.42 4.00
C ALA A 152 11.50 4.09 4.32
N GLY A 153 11.52 4.93 5.35
CA GLY A 153 10.36 5.71 5.77
C GLY A 153 10.57 7.18 5.50
N PHE A 154 9.47 7.89 5.29
CA PHE A 154 9.51 9.34 5.08
C PHE A 154 8.70 9.98 6.18
N ARG A 155 9.36 10.87 6.92
CA ARG A 155 8.74 11.59 8.02
C ARG A 155 8.73 13.09 7.71
N GLU A 156 7.89 13.83 8.43
CA GLU A 156 7.82 15.29 8.33
C GLU A 156 7.97 15.93 9.69
N VAL A 157 8.80 16.97 9.76
CA VAL A 157 8.95 17.79 10.95
C VAL A 157 8.66 19.24 10.60
N HIS A 158 8.10 19.98 11.55
CA HIS A 158 7.92 21.42 11.37
C HIS A 158 9.29 22.12 11.36
N ARG A 159 9.39 23.19 10.57
CA ARG A 159 10.69 23.84 10.29
C ARG A 159 11.35 24.51 11.50
N VAL A 160 10.53 25.00 12.43
CA VAL A 160 11.07 25.62 13.64
C VAL A 160 11.70 24.56 14.54
N ALA A 161 11.08 23.37 14.55
CA ALA A 161 11.51 22.23 15.35
C ALA A 161 12.74 21.51 14.78
N ARG A 162 13.09 21.85 13.54
CA ARG A 162 14.20 21.23 12.81
C ARG A 162 15.56 21.39 13.49
N GLU A 163 15.76 22.53 14.15
CA GLU A 163 17.02 22.79 14.85
C GLU A 163 17.16 21.88 16.05
N LYS A 164 16.10 21.80 16.85
CA LYS A 164 16.04 20.92 18.02
C LYS A 164 16.22 19.47 17.59
N LEU A 165 15.68 19.12 16.42
CA LEU A 165 15.77 17.76 15.88
C LEU A 165 17.22 17.33 15.67
N GLU A 166 18.02 18.20 15.06
CA GLU A 166 19.43 17.91 14.79
C GLU A 166 20.25 17.84 16.07
N GLU A 167 19.88 18.65 17.05
CA GLU A 167 20.55 18.67 18.34
C GLU A 167 20.30 17.35 19.08
N VAL A 168 19.03 16.93 19.09
CA VAL A 168 18.60 15.69 19.74
C VAL A 168 19.19 14.47 19.04
N LEU A 169 19.26 14.52 17.71
CA LEU A 169 19.85 13.46 16.90
C LEU A 169 21.34 13.27 17.19
N LYS A 170 22.08 14.38 17.29
CA LYS A 170 23.50 14.36 17.57
C LYS A 170 23.78 13.74 18.93
N LYS A 171 22.98 14.11 19.93
CA LYS A 171 23.08 13.53 21.27
C LYS A 171 22.71 12.05 21.28
N LEU A 172 21.72 11.69 20.46
CA LEU A 172 21.25 10.31 20.34
C LEU A 172 22.34 9.41 19.80
N ASN A 173 23.09 9.89 18.81
CA ASN A 173 24.22 9.16 18.23
C ASN A 173 23.82 7.76 17.74
N TRP A 174 22.82 7.72 16.87
CA TRP A 174 22.33 6.45 16.31
C TRP A 174 22.32 6.50 14.80
N ASN A 175 22.69 5.37 14.20
CA ASN A 175 22.48 5.14 12.80
C ASN A 175 20.98 5.04 12.55
N GLY A 176 20.52 5.53 11.40
CA GLY A 176 19.10 5.42 11.05
C GLY A 176 18.50 6.53 10.20
N ILE A 177 18.90 7.78 10.46
CA ILE A 177 18.42 8.90 9.63
C ILE A 177 19.36 9.07 8.45
N LYS A 178 18.80 9.03 7.24
CA LYS A 178 19.60 9.10 6.02
C LYS A 178 19.69 10.52 5.46
N ALA A 179 18.65 11.32 5.68
CA ALA A 179 18.62 12.70 5.19
C ALA A 179 17.61 13.60 5.94
N ILE A 180 17.92 14.90 5.95
CA ILE A 180 16.99 15.93 6.40
C ILE A 180 16.98 17.05 5.37
N GLY A 181 15.81 17.27 4.77
CA GLY A 181 15.66 18.25 3.69
C GLY A 181 15.31 19.65 4.16
N GLU A 182 15.41 20.60 3.23
CA GLU A 182 15.10 22.01 3.52
C GLU A 182 13.58 22.24 3.55
N PRO A 183 13.11 23.27 4.29
CA PRO A 183 11.68 23.57 4.37
C PRO A 183 11.03 23.71 2.99
N ASN A 184 9.88 23.05 2.82
CA ASN A 184 9.09 23.11 1.57
C ASN A 184 9.72 22.45 0.34
N ASN A 185 10.80 21.70 0.53
CA ASN A 185 11.57 21.13 -0.58
C ASN A 185 11.30 19.66 -0.87
N GLU A 186 11.29 19.31 -2.15
CA GLU A 186 11.26 17.91 -2.59
C GLU A 186 12.48 17.19 -2.05
N LEU A 187 12.26 16.02 -1.46
CA LEU A 187 13.35 15.20 -0.94
C LEU A 187 13.20 13.79 -1.48
N TYR A 188 14.21 13.33 -2.24
CA TYR A 188 14.22 12.00 -2.84
C TYR A 188 12.95 11.68 -3.64
N GLY A 189 12.38 12.69 -4.28
CA GLY A 189 11.22 12.51 -5.14
C GLY A 189 9.87 12.74 -4.49
N ILE A 190 9.87 12.86 -3.18
CA ILE A 190 8.66 13.06 -2.42
C ILE A 190 8.51 14.53 -2.04
N GLY A 191 7.34 15.09 -2.36
CA GLY A 191 7.05 16.48 -1.99
C GLY A 191 6.61 16.57 -0.55
N VAL A 192 6.84 17.72 0.07
CA VAL A 192 6.41 17.92 1.47
C VAL A 192 5.30 18.94 1.67
N ASN A 193 4.70 18.88 2.87
CA ASN A 193 3.59 19.74 3.27
C ASN A 193 4.03 21.17 3.58
N LYS A 194 3.07 22.05 3.83
CA LYS A 194 3.34 23.48 4.07
C LYS A 194 4.14 23.74 5.35
N ASP A 195 5.36 24.26 5.15
CA ASP A 195 6.31 24.61 6.22
C ASP A 195 6.94 23.40 6.92
N CYS A 197 9.66 19.86 6.86
CA CYS A 197 10.95 19.37 6.40
C CYS A 197 10.92 17.85 6.33
N GLY A 198 11.35 17.32 5.18
CA GLY A 198 11.39 15.88 4.97
C GLY A 198 12.50 15.24 5.79
N VAL A 199 12.16 14.18 6.51
CA VAL A 199 13.13 13.38 7.25
C VAL A 199 13.04 11.95 6.74
N VAL A 200 14.12 11.46 6.15
CA VAL A 200 14.16 10.08 5.63
C VAL A 200 14.86 9.18 6.61
N THR A 201 14.12 8.19 7.15
CA THR A 201 14.68 7.16 8.03
C THR A 201 14.92 5.87 7.27
N GLY A 203 14.80 1.83 6.94
CA GLY A 203 13.88 0.80 7.42
C GLY A 203 14.53 -0.09 8.46
N GLY A 204 13.78 -0.40 9.52
CA GLY A 204 14.27 -1.21 10.62
C GLY A 204 14.56 -2.65 10.24
N ILE A 205 13.77 -3.18 9.31
CA ILE A 205 13.88 -4.58 8.90
C ILE A 205 14.84 -4.79 7.73
N ASN A 206 15.65 -3.79 7.42
CA ASN A 206 16.68 -3.89 6.39
C ASN A 206 17.72 -4.97 6.67
N PRO A 207 18.20 -5.10 7.93
CA PRO A 207 19.13 -6.18 8.20
C PRO A 207 18.56 -7.57 7.94
N LEU A 208 17.24 -7.72 8.06
CA LEU A 208 16.57 -8.99 7.79
C LEU A 208 16.55 -9.32 6.30
N VAL A 209 16.55 -8.29 5.46
CA VAL A 209 16.59 -8.46 4.01
C VAL A 209 17.86 -9.21 3.64
N LEU A 210 18.97 -8.83 4.25
CA LEU A 210 20.28 -9.43 3.98
C LEU A 210 20.35 -10.92 4.33
N LEU A 211 19.56 -11.35 5.31
CA LEU A 211 19.45 -12.77 5.64
C LEU A 211 18.76 -13.55 4.54
N LYS A 212 17.61 -13.05 4.07
CA LYS A 212 16.92 -13.59 2.89
C LYS A 212 17.84 -13.65 1.67
N GLU A 213 18.59 -12.55 1.45
CA GLU A 213 19.51 -12.44 0.33
C GLU A 213 20.71 -13.40 0.44
N ASN A 214 20.97 -13.90 1.64
CA ASN A 214 21.96 -14.95 1.88
C ASN A 214 21.28 -16.29 2.19
N GLU A 215 20.11 -16.50 1.59
CA GLU A 215 19.37 -17.78 1.67
C GLU A 215 19.03 -18.27 3.08
N ILE A 216 18.79 -17.33 3.98
CA ILE A 216 18.27 -17.66 5.31
C ILE A 216 16.77 -17.36 5.27
N PRO A 217 15.94 -18.42 5.19
CA PRO A 217 14.50 -18.26 4.98
C PRO A 217 13.83 -17.59 6.17
N ILE A 218 13.26 -16.41 5.92
CA ILE A 218 12.64 -15.63 6.98
C ILE A 218 11.13 -15.76 7.02
N GLU A 219 10.63 -16.16 8.18
CA GLU A 219 9.22 -16.08 8.48
C GLU A 219 9.03 -14.83 9.33
N LEU A 220 8.39 -13.82 8.73
CA LEU A 220 8.03 -12.63 9.49
C LEU A 220 6.51 -12.46 9.60
N LYS A 221 6.01 -12.67 10.81
CA LYS A 221 4.66 -12.25 11.17
C LYS A 221 4.78 -10.77 11.51
N ALA A 222 3.64 -10.08 11.60
CA ALA A 222 3.66 -8.64 11.94
C ALA A 222 3.76 -8.47 13.46
N HIS A 224 5.58 -7.08 16.90
CA HIS A 224 6.37 -6.02 17.49
C HIS A 224 6.33 -6.11 19.00
N GLU A 225 7.47 -5.85 19.62
CA GLU A 225 7.61 -5.95 21.05
C GLU A 225 8.22 -4.68 21.62
N VAL A 226 7.87 -4.39 22.87
CA VAL A 226 8.56 -3.40 23.67
C VAL A 226 9.65 -4.13 24.42
N VAL A 227 10.90 -3.74 24.19
CA VAL A 227 12.02 -4.29 24.94
C VAL A 227 12.91 -3.18 25.49
N ARG A 228 13.71 -3.52 26.48
CA ARG A 228 14.69 -2.62 27.07
C ARG A 228 15.93 -2.58 26.20
N PHE A 229 16.36 -1.38 25.81
CA PHE A 229 17.54 -1.19 24.95
C PHE A 229 18.78 -1.94 25.43
N SER A 230 18.93 -2.05 26.75
CA SER A 230 20.09 -2.69 27.37
C SER A 230 20.19 -4.19 27.11
N ASP A 231 19.04 -4.83 26.90
CA ASP A 231 18.97 -6.28 26.72
C ASP A 231 19.34 -6.69 25.29
N LEU A 232 19.50 -5.70 24.42
CA LEU A 232 19.92 -5.92 23.05
C LEU A 232 21.45 -5.93 22.94
N LYS A 233 21.96 -6.63 21.94
CA LYS A 233 23.41 -6.79 21.74
C LYS A 233 23.95 -5.83 20.68
N SER A 234 25.09 -5.20 20.99
CA SER A 234 25.76 -4.30 20.07
C SER A 234 26.55 -5.10 19.03
N TYR A 235 26.74 -4.54 17.84
CA TYR A 235 27.50 -5.22 16.79
C TYR A 235 29.02 -5.15 16.98
N LYS A 236 29.48 -4.45 18.02
CA LYS A 236 30.91 -4.24 18.26
C LYS A 236 31.46 -5.19 19.31
N ASN B 15 14.34 15.13 -13.21
CA ASN B 15 13.10 15.15 -12.38
C ASN B 15 12.54 13.75 -12.14
N ILE B 16 12.47 13.38 -10.86
CA ILE B 16 12.12 12.01 -10.44
C ILE B 16 11.01 11.98 -9.40
N ARG B 17 10.11 12.96 -9.48
CA ARG B 17 8.96 13.10 -8.59
C ARG B 17 8.05 11.87 -8.67
N ILE B 18 7.65 11.37 -7.51
CA ILE B 18 6.70 10.27 -7.44
C ILE B 18 5.28 10.76 -7.73
N LYS B 19 4.59 10.05 -8.62
CA LYS B 19 3.20 10.35 -8.94
C LYS B 19 2.30 9.37 -8.20
N THR B 20 1.30 9.91 -7.52
CA THR B 20 0.38 9.09 -6.72
C THR B 20 -0.68 8.43 -7.61
N ALA B 21 -1.26 7.35 -7.09
CA ALA B 21 -2.37 6.66 -7.76
C ALA B 21 -3.57 7.58 -7.96
N LEU B 22 -3.79 8.49 -7.01
CA LEU B 22 -4.85 9.48 -7.10
C LEU B 22 -4.74 10.35 -8.35
N SER B 23 -3.52 10.83 -8.64
CA SER B 23 -3.34 11.77 -9.74
C SER B 23 -3.40 11.07 -11.09
N LYS B 24 -2.99 9.81 -11.11
CA LYS B 24 -3.19 8.96 -12.28
C LYS B 24 -4.68 8.82 -12.58
N PHE B 26 -7.26 10.92 -11.60
CA PHE B 26 -7.84 12.21 -12.03
C PHE B 26 -7.58 12.44 -13.50
N ASN B 27 -6.34 12.19 -13.93
CA ASN B 27 -5.97 12.28 -15.33
C ASN B 27 -6.78 11.34 -16.22
N ALA B 28 -7.03 10.13 -15.72
CA ALA B 28 -7.84 9.15 -16.44
C ALA B 28 -9.32 9.55 -16.56
N ALA B 30 -10.57 12.45 -17.05
CA ALA B 30 -10.64 13.36 -18.19
C ALA B 30 -10.94 12.63 -19.49
N LYS B 31 -10.42 11.41 -19.64
CA LYS B 31 -10.62 10.65 -20.87
C LYS B 31 -12.04 10.09 -21.01
N VAL B 32 -12.72 9.88 -19.89
CA VAL B 32 -14.05 9.25 -19.87
C VAL B 32 -15.09 10.13 -20.59
N THR B 33 -15.79 9.54 -21.55
CA THR B 33 -16.73 10.29 -22.39
C THR B 33 -18.12 9.63 -22.45
N TYR B 34 -18.33 8.59 -21.65
CA TYR B 34 -19.57 7.82 -21.61
C TYR B 34 -20.77 8.70 -21.22
N ASP B 35 -21.81 8.66 -22.05
CA ASP B 35 -23.06 9.35 -21.77
C ASP B 35 -24.12 8.34 -21.34
N ILE B 36 -24.77 8.65 -20.22
CA ILE B 36 -25.83 7.82 -19.68
C ILE B 36 -27.04 7.76 -20.61
N ASP B 37 -27.37 8.89 -21.23
CA ASP B 37 -28.53 9.01 -22.11
C ASP B 37 -28.35 8.30 -23.44
N GLU B 38 -27.11 8.20 -23.90
CA GLU B 38 -26.81 7.55 -25.18
C GLU B 38 -26.33 6.11 -25.00
N ALA B 39 -26.08 5.72 -23.75
CA ALA B 39 -25.55 4.39 -23.38
C ALA B 39 -24.31 3.96 -24.20
N ASP B 40 -23.35 4.89 -24.32
CA ASP B 40 -22.12 4.68 -25.09
C ASP B 40 -21.13 5.80 -24.76
N GLY B 41 -19.90 5.67 -25.24
CA GLY B 41 -18.85 6.64 -24.99
C GLY B 41 -17.54 5.96 -24.62
N ASP B 42 -16.51 6.77 -24.39
CA ASP B 42 -15.19 6.24 -24.09
C ASP B 42 -15.07 5.85 -22.62
N VAL B 43 -14.63 4.61 -22.40
CA VAL B 43 -14.42 4.05 -21.07
C VAL B 43 -12.93 3.71 -20.88
N ILE B 44 -12.53 3.51 -19.62
CA ILE B 44 -11.16 3.12 -19.32
C ILE B 44 -11.15 1.63 -18.96
N VAL B 45 -10.31 0.85 -19.64
CA VAL B 45 -10.20 -0.59 -19.36
C VAL B 45 -8.81 -1.01 -18.87
N ASN B 46 -8.77 -2.14 -18.16
CA ASN B 46 -7.53 -2.89 -17.93
C ASN B 46 -7.27 -3.81 -19.12
N THR B 47 -6.02 -4.22 -19.31
CA THR B 47 -5.71 -5.18 -20.36
C THR B 47 -4.91 -6.37 -19.83
N ALA B 48 -5.41 -7.57 -20.10
CA ALA B 48 -4.80 -8.83 -19.69
C ALA B 48 -4.55 -9.74 -20.88
N PHE B 49 -3.54 -10.60 -20.77
CA PHE B 49 -3.19 -11.53 -21.85
C PHE B 49 -3.25 -13.00 -21.44
N ILE B 50 -3.84 -13.81 -22.32
CA ILE B 50 -3.83 -15.26 -22.21
C ILE B 50 -3.46 -15.85 -23.56
N ASP B 51 -2.88 -17.05 -23.57
CA ASP B 51 -2.67 -17.79 -24.82
C ASP B 51 -4.00 -18.20 -25.43
N LYS B 52 -4.03 -18.39 -26.77
CA LYS B 52 -5.28 -18.62 -27.49
C LYS B 52 -5.88 -20.01 -27.31
N LYS B 53 -5.08 -20.94 -26.75
CA LYS B 53 -5.55 -22.26 -26.32
C LYS B 53 -6.76 -22.15 -25.38
N TYR B 54 -6.73 -21.16 -24.49
CA TYR B 54 -7.69 -21.03 -23.39
C TYR B 54 -8.85 -20.09 -23.68
N LEU B 55 -9.01 -19.73 -24.96
CA LEU B 55 -10.05 -18.79 -25.40
C LEU B 55 -11.45 -19.30 -25.04
N ASP B 56 -11.68 -20.59 -25.29
CA ASP B 56 -12.98 -21.20 -25.10
C ASP B 56 -13.38 -21.26 -23.64
N GLU B 57 -12.46 -21.76 -22.81
CA GLU B 57 -12.67 -21.91 -21.37
C GLU B 57 -12.86 -20.54 -20.70
N ALA B 58 -12.06 -19.56 -21.12
CA ALA B 58 -12.04 -18.22 -20.49
C ALA B 58 -13.31 -17.43 -20.72
N PHE B 59 -13.85 -17.52 -21.92
CA PHE B 59 -15.11 -16.89 -22.27
C PHE B 59 -16.28 -17.41 -21.43
N ASP B 60 -16.30 -18.71 -21.17
CA ASP B 60 -17.29 -19.32 -20.29
C ASP B 60 -17.18 -18.84 -18.83
N ILE B 61 -15.95 -18.70 -18.35
CA ILE B 61 -15.69 -18.24 -16.99
C ILE B 61 -16.03 -16.76 -16.85
N LEU B 62 -15.56 -15.97 -17.80
CA LEU B 62 -15.92 -14.55 -17.92
C LEU B 62 -17.42 -14.29 -17.99
N LYS B 63 -18.12 -15.09 -18.80
CA LYS B 63 -19.59 -15.00 -18.85
C LYS B 63 -20.19 -15.25 -17.47
N GLU B 64 -19.66 -16.27 -16.80
CA GLU B 64 -20.13 -16.65 -15.47
C GLU B 64 -19.81 -15.61 -14.41
N ALA B 65 -18.62 -15.00 -14.50
CA ALA B 65 -18.22 -13.94 -13.59
C ALA B 65 -19.18 -12.76 -13.70
N TYR B 66 -19.45 -12.34 -14.94
CA TYR B 66 -20.35 -11.22 -15.19
C TYR B 66 -21.81 -11.53 -14.90
N LYS B 67 -22.16 -12.82 -14.94
CA LYS B 67 -23.49 -13.24 -14.50
C LYS B 67 -23.58 -13.08 -12.99
N LYS B 68 -22.51 -13.46 -12.28
CA LYS B 68 -22.45 -13.36 -10.83
C LYS B 68 -22.28 -11.91 -10.33
N GLY B 69 -22.44 -10.95 -11.23
CA GLY B 69 -22.38 -9.55 -10.85
C GLY B 69 -20.98 -9.01 -10.58
N LEU B 70 -19.97 -9.85 -10.79
CA LEU B 70 -18.58 -9.40 -10.69
C LEU B 70 -18.20 -8.52 -11.87
N GLY B 71 -17.20 -7.66 -11.68
CA GLY B 71 -16.75 -6.76 -12.72
C GLY B 71 -17.71 -5.60 -12.93
N ILE B 72 -17.26 -4.58 -13.64
CA ILE B 72 -18.08 -3.38 -13.85
C ILE B 72 -18.76 -3.42 -15.20
N SER B 73 -20.07 -3.19 -15.20
CA SER B 73 -20.94 -3.26 -16.37
C SER B 73 -21.21 -4.69 -16.79
N ASP B 74 -21.86 -4.85 -17.94
CA ASP B 74 -22.21 -6.14 -18.49
C ASP B 74 -21.27 -6.50 -19.64
N ARG B 75 -20.40 -5.56 -19.99
CA ARG B 75 -19.60 -5.62 -21.21
C ARG B 75 -18.11 -5.82 -20.92
N PHE B 76 -17.45 -6.62 -21.76
CA PHE B 76 -15.99 -6.79 -21.70
C PHE B 76 -15.37 -7.01 -23.09
N GLY B 77 -14.09 -6.66 -23.23
CA GLY B 77 -13.37 -6.81 -24.48
C GLY B 77 -12.69 -8.16 -24.60
N ILE B 78 -12.76 -8.74 -25.79
CA ILE B 78 -12.11 -10.02 -26.09
C ILE B 78 -11.57 -10.05 -27.53
N VAL B 79 -10.35 -9.55 -27.69
CA VAL B 79 -9.77 -9.31 -29.01
C VAL B 79 -8.79 -10.41 -29.45
N GLU B 80 -8.93 -10.84 -30.70
CA GLU B 80 -7.98 -11.71 -31.36
C GLU B 80 -6.69 -10.93 -31.63
N GLU B 81 -5.65 -11.23 -30.86
CA GLU B 81 -4.32 -10.67 -31.09
C GLU B 81 -3.51 -11.66 -31.94
N ASN B 82 -2.23 -11.36 -32.14
CA ASN B 82 -1.35 -12.18 -32.98
C ASN B 82 -1.22 -13.61 -32.45
N ASP B 83 -0.57 -13.77 -31.29
CA ASP B 83 -0.28 -15.08 -30.73
C ASP B 83 -0.94 -15.27 -29.36
N ARG B 84 -1.61 -14.22 -28.90
CA ARG B 84 -2.27 -14.23 -27.60
C ARG B 84 -3.70 -13.68 -27.74
N ILE B 85 -4.43 -13.65 -26.64
CA ILE B 85 -5.77 -13.06 -26.62
C ILE B 85 -5.80 -11.92 -25.62
N LYS B 86 -6.18 -10.74 -26.08
CA LYS B 86 -6.29 -9.59 -25.20
C LYS B 86 -7.66 -9.54 -24.53
N ILE B 87 -7.65 -9.42 -23.20
CA ILE B 87 -8.88 -9.33 -22.40
C ILE B 87 -8.97 -7.91 -21.82
N GLN B 88 -10.15 -7.30 -21.95
CA GLN B 88 -10.36 -5.95 -21.44
C GLN B 88 -11.51 -5.89 -20.45
N THR B 89 -11.24 -5.37 -19.26
CA THR B 89 -12.26 -5.13 -18.25
C THR B 89 -12.26 -3.66 -17.85
N ILE B 90 -13.45 -3.12 -17.61
CA ILE B 90 -13.63 -1.71 -17.29
C ILE B 90 -13.18 -1.40 -15.86
N CYS B 91 -12.37 -0.36 -15.69
CA CYS B 91 -11.97 0.13 -14.35
C CYS B 91 -13.07 0.92 -13.67
N ALA B 92 -12.95 1.01 -12.35
CA ALA B 92 -13.80 1.86 -11.51
C ALA B 92 -13.61 3.34 -11.82
N VAL B 93 -12.44 3.71 -12.30
CA VAL B 93 -12.18 5.09 -12.68
C VAL B 93 -13.13 5.56 -13.80
N THR B 94 -13.70 4.61 -14.55
CA THR B 94 -14.72 4.94 -15.54
C THR B 94 -15.95 5.51 -14.80
N LEU B 95 -16.33 4.83 -13.73
CA LEU B 95 -17.43 5.25 -12.85
C LEU B 95 -17.23 6.67 -12.34
N ASP B 96 -16.05 6.93 -11.79
CA ASP B 96 -15.65 8.28 -11.37
C ASP B 96 -15.87 9.32 -12.46
N GLY B 97 -15.33 9.02 -13.63
CA GLY B 97 -15.47 9.86 -14.83
C GLY B 97 -16.92 10.10 -15.18
N ILE B 98 -17.71 9.02 -15.22
CA ILE B 98 -19.16 9.12 -15.48
C ILE B 98 -19.88 10.03 -14.47
N PHE B 99 -19.51 9.94 -13.20
CA PHE B 99 -20.13 10.74 -12.14
C PHE B 99 -19.77 12.21 -12.19
N LEU B 100 -18.52 12.52 -12.52
CA LEU B 100 -18.06 13.89 -12.62
C LEU B 100 -18.78 14.64 -13.76
N ARG B 101 -19.09 13.91 -14.84
CA ARG B 101 -19.81 14.49 -15.99
C ARG B 101 -21.28 14.74 -15.72
N ASN B 102 -21.80 14.17 -14.63
CA ASN B 102 -23.17 14.44 -14.17
C ASN B 102 -23.13 15.27 -12.90
N SER B 103 -22.00 15.97 -12.72
CA SER B 103 -21.77 16.91 -11.62
C SER B 103 -21.82 16.30 -10.23
N VAL B 104 -21.39 15.04 -10.12
CA VAL B 104 -21.27 14.35 -8.83
C VAL B 104 -19.79 14.08 -8.54
N PRO B 105 -19.11 15.03 -7.87
CA PRO B 105 -17.69 14.83 -7.52
C PRO B 105 -17.54 13.69 -6.53
N LEU B 106 -16.81 12.66 -6.96
CA LEU B 106 -16.57 11.46 -6.18
C LEU B 106 -15.07 11.37 -5.90
N ILE B 107 -14.69 11.34 -4.63
CA ILE B 107 -13.28 11.28 -4.26
C ILE B 107 -12.87 9.84 -3.90
N PRO B 108 -11.99 9.23 -4.72
CA PRO B 108 -11.47 7.91 -4.41
C PRO B 108 -10.53 7.96 -3.22
N LYS B 109 -10.72 7.04 -2.29
CA LYS B 109 -9.97 7.05 -1.04
C LYS B 109 -9.06 5.84 -0.90
N TYR B 110 -9.66 4.65 -0.89
CA TYR B 110 -8.89 3.43 -0.63
C TYR B 110 -9.20 2.31 -1.62
N GLY B 111 -8.20 1.46 -1.87
CA GLY B 111 -8.39 0.22 -2.59
C GLY B 111 -7.98 -0.94 -1.69
N GLY B 112 -8.75 -2.03 -1.71
CA GLY B 112 -8.43 -3.15 -0.84
C GLY B 112 -9.19 -4.45 -1.04
N ILE B 113 -9.19 -5.27 0.00
CA ILE B 113 -9.86 -6.56 0.00
C ILE B 113 -11.13 -6.49 0.83
N LEU B 114 -12.24 -6.81 0.19
CA LEU B 114 -13.54 -6.85 0.82
C LEU B 114 -13.90 -8.30 1.11
N GLU B 115 -14.12 -8.59 2.38
CA GLU B 115 -14.55 -9.92 2.79
C GLU B 115 -16.06 -9.96 2.96
N ILE B 116 -16.71 -10.84 2.20
CA ILE B 116 -18.13 -11.12 2.36
C ILE B 116 -18.31 -12.54 2.91
N THR B 117 -18.43 -12.65 4.24
CA THR B 117 -18.55 -13.96 4.89
C THR B 117 -19.88 -14.17 5.58
N GLU B 118 -19.88 -15.11 6.52
CA GLU B 118 -21.07 -15.60 7.22
C GLU B 118 -21.89 -14.51 7.91
N ASP B 119 -21.24 -13.66 8.69
CA ASP B 119 -21.96 -12.59 9.37
C ASP B 119 -21.30 -11.23 9.20
N LYS B 120 -20.10 -11.22 8.61
CA LYS B 120 -19.35 -9.98 8.47
C LYS B 120 -19.21 -9.52 7.03
N GLU B 121 -19.37 -8.22 6.82
CA GLU B 121 -19.13 -7.56 5.55
C GLU B 121 -18.12 -6.45 5.78
N ARG B 122 -16.85 -6.74 5.54
CA ARG B 122 -15.79 -5.82 5.93
C ARG B 122 -14.61 -5.84 4.98
N PHE B 123 -14.01 -4.67 4.81
CA PHE B 123 -12.68 -4.55 4.25
C PHE B 123 -11.73 -5.10 5.30
N ILE B 124 -10.79 -5.93 4.87
CA ILE B 124 -9.83 -6.50 5.82
C ILE B 124 -8.44 -5.88 5.67
N ASP B 125 -8.18 -5.30 4.49
CA ASP B 125 -6.92 -4.61 4.20
C ASP B 125 -7.12 -3.55 3.14
N ILE B 126 -6.45 -2.41 3.31
CA ILE B 126 -6.56 -1.29 2.37
C ILE B 126 -5.26 -0.56 2.15
N ILE B 127 -5.20 0.13 1.03
CA ILE B 127 -4.14 1.09 0.72
C ILE B 127 -4.81 2.39 0.24
N GLY B 128 -4.31 3.54 0.71
CA GLY B 128 -4.84 4.84 0.29
C GLY B 128 -4.30 5.28 -1.07
N TYR B 129 -5.19 5.78 -1.94
CA TYR B 129 -4.78 6.28 -3.26
C TYR B 129 -3.88 7.52 -3.19
N ASP B 130 -4.15 8.41 -2.24
CA ASP B 130 -3.50 9.72 -2.23
C ASP B 130 -2.07 9.71 -1.70
N GLY B 131 -1.67 8.61 -1.08
CA GLY B 131 -0.32 8.48 -0.56
C GLY B 131 0.52 7.40 -1.22
N SER B 132 -0.03 6.72 -2.22
CA SER B 132 0.64 5.57 -2.80
C SER B 132 0.87 5.66 -4.29
N SER B 133 2.02 5.13 -4.72
CA SER B 133 2.39 5.06 -6.14
C SER B 133 2.09 3.70 -6.77
N LEU B 134 1.35 2.85 -6.04
CA LEU B 134 0.98 1.53 -6.55
C LEU B 134 -0.50 1.46 -6.79
N ASP B 135 -0.90 0.60 -7.71
CA ASP B 135 -2.30 0.20 -7.86
C ASP B 135 -2.57 -0.81 -6.75
N PRO B 136 -3.53 -0.52 -5.86
CA PRO B 136 -3.75 -1.40 -4.70
C PRO B 136 -4.15 -2.83 -5.09
N HIS B 137 -4.88 -2.97 -6.20
CA HIS B 137 -5.32 -4.29 -6.65
C HIS B 137 -4.19 -5.13 -7.22
N GLU B 138 -3.07 -4.47 -7.51
CA GLU B 138 -1.86 -5.11 -8.00
C GLU B 138 -1.14 -5.82 -6.85
N VAL B 139 -1.29 -5.27 -5.64
CA VAL B 139 -0.72 -5.87 -4.44
C VAL B 139 -1.63 -7.02 -3.97
N PHE B 140 -2.95 -6.80 -4.03
CA PHE B 140 -3.93 -7.72 -3.46
C PHE B 140 -4.53 -8.75 -4.42
N PHE B 141 -4.03 -8.78 -5.66
CA PHE B 141 -4.56 -9.66 -6.70
C PHE B 141 -4.45 -11.14 -6.33
N ASN B 142 -3.29 -11.53 -5.82
CA ASN B 142 -3.02 -12.91 -5.43
C ASN B 142 -3.65 -13.37 -4.11
N PHE B 143 -4.29 -12.45 -3.40
CA PHE B 143 -4.82 -12.77 -2.07
C PHE B 143 -6.35 -12.78 -2.03
N VAL B 144 -6.98 -12.92 -3.20
CA VAL B 144 -8.44 -13.00 -3.30
C VAL B 144 -8.86 -14.23 -4.12
N ASP B 145 -9.96 -14.85 -3.71
CA ASP B 145 -10.46 -16.06 -4.35
C ASP B 145 -11.74 -15.81 -5.13
N CYS B 146 -12.33 -14.63 -4.93
CA CYS B 146 -13.62 -14.24 -5.52
C CYS B 146 -14.82 -15.09 -5.11
N GLU B 147 -14.75 -15.68 -3.92
CA GLU B 147 -15.86 -16.42 -3.35
C GLU B 147 -16.17 -15.87 -1.96
N LYS B 148 -15.12 -15.67 -1.17
CA LYS B 148 -15.24 -15.06 0.16
C LYS B 148 -14.63 -13.66 0.14
N THR B 149 -13.60 -13.47 -0.69
CA THR B 149 -12.80 -12.24 -0.73
C THR B 149 -12.81 -11.63 -2.12
N PHE B 150 -12.83 -10.29 -2.17
CA PHE B 150 -13.04 -9.58 -3.42
C PHE B 150 -12.22 -8.29 -3.43
N LEU B 151 -11.75 -7.90 -4.61
CA LEU B 151 -11.13 -6.60 -4.74
C LEU B 151 -12.22 -5.54 -4.78
N ALA B 152 -12.00 -4.43 -4.06
CA ALA B 152 -12.99 -3.38 -3.93
C ALA B 152 -12.34 -2.02 -3.72
N GLY B 153 -13.09 -0.99 -4.05
CA GLY B 153 -12.64 0.38 -3.89
C GLY B 153 -13.56 1.13 -2.96
N PHE B 154 -13.03 2.19 -2.34
CA PHE B 154 -13.79 3.03 -1.44
C PHE B 154 -13.76 4.49 -1.90
N ARG B 155 -14.94 5.04 -2.12
CA ARG B 155 -15.06 6.41 -2.55
C ARG B 155 -15.88 7.20 -1.54
N GLU B 156 -15.61 8.50 -1.44
CA GLU B 156 -16.40 9.41 -0.63
C GLU B 156 -17.17 10.38 -1.52
N VAL B 157 -18.48 10.48 -1.28
CA VAL B 157 -19.33 11.46 -1.92
C VAL B 157 -19.93 12.37 -0.85
N HIS B 158 -20.03 13.68 -1.14
CA HIS B 158 -20.67 14.62 -0.23
C HIS B 158 -22.18 14.34 -0.09
N ARG B 159 -22.67 14.52 1.13
CA ARG B 159 -24.07 14.32 1.50
C ARG B 159 -25.10 14.91 0.52
N VAL B 160 -24.85 16.12 0.00
CA VAL B 160 -25.78 16.78 -0.94
C VAL B 160 -25.87 16.04 -2.28
N ALA B 161 -24.72 15.56 -2.75
CA ALA B 161 -24.62 14.90 -4.05
C ALA B 161 -25.20 13.48 -4.04
N ARG B 162 -25.40 12.95 -2.84
CA ARG B 162 -25.83 11.57 -2.66
C ARG B 162 -27.13 11.19 -3.36
N GLU B 163 -28.15 12.03 -3.22
CA GLU B 163 -29.43 11.79 -3.89
C GLU B 163 -29.26 11.84 -5.41
N LYS B 164 -28.38 12.72 -5.88
CA LYS B 164 -28.06 12.82 -7.30
C LYS B 164 -27.32 11.58 -7.80
N LEU B 165 -26.37 11.10 -6.99
CA LEU B 165 -25.58 9.91 -7.30
C LEU B 165 -26.46 8.68 -7.57
N GLU B 166 -27.50 8.52 -6.75
CA GLU B 166 -28.40 7.38 -6.87
C GLU B 166 -29.32 7.48 -8.08
N GLU B 167 -29.63 8.71 -8.47
CA GLU B 167 -30.40 8.98 -9.68
C GLU B 167 -29.61 8.55 -10.92
N VAL B 168 -28.32 8.86 -10.90
CA VAL B 168 -27.40 8.59 -11.99
C VAL B 168 -27.11 7.09 -12.11
N LEU B 169 -26.94 6.44 -10.96
CA LEU B 169 -26.65 5.01 -10.84
C LEU B 169 -27.69 4.14 -11.56
N LYS B 170 -28.96 4.47 -11.36
CA LYS B 170 -30.06 3.70 -11.92
C LYS B 170 -30.26 3.95 -13.41
N LYS B 171 -29.96 5.17 -13.85
CA LYS B 171 -30.00 5.48 -15.28
C LYS B 171 -28.80 4.85 -16.00
N LEU B 172 -27.73 4.62 -15.26
CA LEU B 172 -26.54 3.93 -15.76
C LEU B 172 -26.82 2.44 -15.90
N ASN B 173 -27.45 1.87 -14.87
CA ASN B 173 -27.81 0.44 -14.81
C ASN B 173 -26.63 -0.47 -15.12
N TRP B 174 -25.64 -0.43 -14.22
CA TRP B 174 -24.39 -1.16 -14.35
C TRP B 174 -24.11 -1.88 -13.05
N ASN B 175 -23.60 -3.11 -13.15
CA ASN B 175 -23.03 -3.77 -11.99
C ASN B 175 -21.75 -3.04 -11.66
N GLY B 176 -21.41 -2.97 -10.38
CA GLY B 176 -20.22 -2.24 -9.96
C GLY B 176 -20.32 -1.65 -8.57
N ILE B 177 -21.45 -1.02 -8.24
CA ILE B 177 -21.63 -0.44 -6.91
C ILE B 177 -22.25 -1.43 -5.93
N LYS B 178 -21.47 -1.77 -4.92
CA LYS B 178 -21.85 -2.73 -3.90
C LYS B 178 -22.73 -2.09 -2.83
N ALA B 179 -22.36 -0.88 -2.39
CA ALA B 179 -23.09 -0.21 -1.31
C ALA B 179 -22.87 1.31 -1.27
N ILE B 180 -23.84 2.01 -0.71
CA ILE B 180 -23.73 3.44 -0.43
C ILE B 180 -24.08 3.64 1.03
N GLY B 181 -23.18 4.26 1.79
CA GLY B 181 -23.39 4.42 3.23
C GLY B 181 -24.14 5.68 3.64
N GLU B 182 -24.40 5.78 4.93
CA GLU B 182 -25.04 6.96 5.51
C GLU B 182 -23.99 8.04 5.79
N PRO B 183 -24.40 9.33 5.79
CA PRO B 183 -23.50 10.44 6.10
C PRO B 183 -22.85 10.31 7.49
N ASN B 184 -21.53 10.46 7.55
CA ASN B 184 -20.75 10.40 8.80
C ASN B 184 -20.71 9.03 9.48
N ASN B 185 -21.07 7.99 8.73
CA ASN B 185 -21.13 6.63 9.24
C ASN B 185 -20.07 5.74 8.64
N GLU B 186 -19.57 4.80 9.44
CA GLU B 186 -18.66 3.78 8.96
C GLU B 186 -19.37 2.88 7.96
N LEU B 187 -18.66 2.52 6.90
CA LEU B 187 -19.22 1.60 5.91
C LEU B 187 -18.25 0.45 5.70
N TYR B 188 -18.66 -0.75 6.08
CA TYR B 188 -17.86 -1.97 5.88
C TYR B 188 -16.52 -1.93 6.64
N GLY B 189 -16.51 -1.29 7.81
CA GLY B 189 -15.32 -1.23 8.65
C GLY B 189 -14.42 -0.04 8.39
N ILE B 190 -14.82 0.84 7.48
CA ILE B 190 -14.01 1.99 7.12
C ILE B 190 -14.67 3.28 7.54
N GLY B 191 -13.93 4.11 8.27
CA GLY B 191 -14.41 5.40 8.72
C GLY B 191 -14.49 6.39 7.58
N VAL B 192 -15.30 7.43 7.76
CA VAL B 192 -15.57 8.43 6.73
C VAL B 192 -15.35 9.87 7.25
N ASN B 193 -14.96 10.77 6.35
CA ASN B 193 -14.72 12.18 6.66
C ASN B 193 -15.97 12.99 6.98
N LYS B 194 -15.76 14.27 7.32
CA LYS B 194 -16.83 15.19 7.68
C LYS B 194 -17.91 15.33 6.59
N ASP B 195 -19.13 14.98 6.96
CA ASP B 195 -20.32 15.14 6.12
C ASP B 195 -20.24 14.42 4.76
N CYS B 197 -20.36 10.45 2.53
CA CYS B 197 -20.93 9.11 2.42
C CYS B 197 -19.94 8.17 1.75
N GLY B 198 -19.79 6.98 2.31
CA GLY B 198 -19.01 5.92 1.70
C GLY B 198 -19.69 5.36 0.47
N VAL B 199 -18.88 5.04 -0.54
CA VAL B 199 -19.36 4.40 -1.75
C VAL B 199 -18.41 3.23 -2.02
N VAL B 200 -18.94 2.01 -2.01
CA VAL B 200 -18.11 0.84 -2.25
C VAL B 200 -18.31 0.32 -3.66
N THR B 201 -17.25 0.44 -4.45
CA THR B 201 -17.23 -0.06 -5.82
C THR B 201 -16.53 -1.43 -5.85
N GLY B 203 -13.95 -4.16 -7.68
CA GLY B 203 -12.76 -4.10 -8.52
C GLY B 203 -13.03 -4.63 -9.90
N GLY B 204 -12.66 -3.84 -10.91
CA GLY B 204 -12.84 -4.21 -12.31
C GLY B 204 -12.12 -5.49 -12.72
N ILE B 205 -11.03 -5.83 -12.02
CA ILE B 205 -10.25 -7.02 -12.38
C ILE B 205 -10.62 -8.30 -11.59
N ASN B 206 -11.76 -8.29 -10.90
CA ASN B 206 -12.29 -9.46 -10.19
C ASN B 206 -12.57 -10.66 -11.09
N PRO B 207 -13.11 -10.43 -12.32
CA PRO B 207 -13.31 -11.57 -13.22
C PRO B 207 -12.00 -12.20 -13.68
N LEU B 208 -10.93 -11.40 -13.69
CA LEU B 208 -9.61 -11.88 -14.04
C LEU B 208 -9.07 -12.82 -12.97
N VAL B 209 -9.48 -12.59 -11.72
CA VAL B 209 -9.15 -13.47 -10.61
C VAL B 209 -9.74 -14.85 -10.82
N LEU B 210 -10.99 -14.90 -11.29
CA LEU B 210 -11.66 -16.17 -11.52
C LEU B 210 -10.99 -17.02 -12.60
N LEU B 211 -10.40 -16.36 -13.60
CA LEU B 211 -9.63 -17.08 -14.62
C LEU B 211 -8.45 -17.76 -13.97
N LYS B 212 -7.66 -16.98 -13.24
CA LYS B 212 -6.48 -17.47 -12.54
C LYS B 212 -6.84 -18.59 -11.56
N GLU B 213 -7.99 -18.45 -10.88
CA GLU B 213 -8.47 -19.44 -9.92
C GLU B 213 -8.97 -20.72 -10.59
N ASN B 214 -9.35 -20.62 -11.86
CA ASN B 214 -9.76 -21.78 -12.62
C ASN B 214 -8.64 -22.27 -13.54
N GLU B 215 -7.41 -22.19 -13.01
CA GLU B 215 -6.19 -22.75 -13.63
C GLU B 215 -5.83 -22.19 -15.02
N ILE B 216 -6.20 -20.94 -15.27
CA ILE B 216 -5.85 -20.27 -16.52
C ILE B 216 -4.71 -19.27 -16.31
N PRO B 217 -3.55 -19.51 -16.94
CA PRO B 217 -2.43 -18.59 -16.82
C PRO B 217 -2.77 -17.24 -17.44
N ILE B 218 -2.39 -16.16 -16.77
CA ILE B 218 -2.79 -14.84 -17.23
C ILE B 218 -1.67 -13.80 -17.02
N GLU B 219 -1.29 -13.17 -18.11
CA GLU B 219 -0.31 -12.09 -18.07
C GLU B 219 -1.07 -10.78 -17.85
N LEU B 220 -1.10 -10.32 -16.60
CA LEU B 220 -1.71 -9.04 -16.26
C LEU B 220 -0.73 -7.90 -16.54
N LYS B 221 -1.18 -6.90 -17.30
CA LYS B 221 -0.34 -5.77 -17.66
C LYS B 221 -0.70 -4.51 -16.88
N ALA B 222 0.28 -3.64 -16.71
CA ALA B 222 0.08 -2.35 -16.03
C ALA B 222 -0.64 -1.33 -16.92
N HIS B 224 -3.40 0.61 -19.22
CA HIS B 224 -4.83 0.88 -19.30
C HIS B 224 -5.14 1.52 -20.64
N GLU B 225 -6.24 1.10 -21.26
CA GLU B 225 -6.61 1.61 -22.58
C GLU B 225 -7.90 2.43 -22.56
N VAL B 226 -7.94 3.49 -23.35
CA VAL B 226 -9.16 4.22 -23.62
C VAL B 226 -9.82 3.54 -24.81
N VAL B 227 -10.99 2.95 -24.58
CA VAL B 227 -11.70 2.21 -25.62
C VAL B 227 -13.17 2.64 -25.70
N ARG B 228 -13.75 2.54 -26.88
CA ARG B 228 -15.17 2.79 -27.05
C ARG B 228 -15.96 1.64 -26.43
N PHE B 229 -17.06 1.97 -25.75
CA PHE B 229 -17.93 0.98 -25.12
C PHE B 229 -18.57 0.02 -26.12
N SER B 230 -18.72 0.48 -27.36
CA SER B 230 -19.29 -0.30 -28.47
C SER B 230 -18.41 -1.47 -28.92
N ASP B 231 -17.10 -1.35 -28.73
CA ASP B 231 -16.14 -2.35 -29.19
C ASP B 231 -15.90 -3.45 -28.16
N LEU B 232 -16.77 -3.48 -27.14
CA LEU B 232 -16.74 -4.52 -26.12
C LEU B 232 -17.99 -5.39 -26.24
N LYS B 233 -17.87 -6.66 -25.86
CA LYS B 233 -18.96 -7.63 -25.99
C LYS B 233 -19.77 -7.82 -24.71
N SER B 234 -21.10 -7.83 -24.85
CA SER B 234 -21.98 -8.10 -23.73
C SER B 234 -21.99 -9.59 -23.42
N TYR B 235 -22.41 -9.95 -22.21
CA TYR B 235 -22.40 -11.35 -21.77
C TYR B 235 -23.73 -12.08 -22.05
#